data_8H17
#
_entry.id   8H17
#
_cell.length_a   54.041
_cell.length_b   54.041
_cell.length_c   112.966
_cell.angle_alpha   90.00
_cell.angle_beta   90.00
_cell.angle_gamma   90.00
#
_symmetry.space_group_name_H-M   'P 43 21 2'
#
loop_
_entity.id
_entity.type
_entity.pdbx_description
1 polymer 'Tlr1989 protein'
2 non-polymer IMIDAZOLE
3 non-polymer 'PROTOPORPHYRIN IX CONTAINING FE'
4 water water
#
_entity_poly.entity_id   1
_entity_poly.type   'polypeptide(L)'
_entity_poly.pdbx_seq_one_letter_code
;HHHHHHMVIQSFEVKKMTIEPINFMATMVRRVQLTDEDKSLLAEAAPWGKEIAPQMADTFYDYLGRDEEMNAILNATEGR
IHRLHQTFVDWFYEMFTGMDSWGKAYAERRWKIGLVHVRIGIGPQHVVPAMAVVVNAVRQKLREANKSEALSDALGKICM
IDLAFIEQAYFEVSSQAVLKETGWTQALFQRLIATGAAAM
;
_entity_poly.pdbx_strand_id   A
#
# COMPACT_ATOMS: atom_id res chain seq x y z
N ILE A 19 -13.63 -8.11 8.82
CA ILE A 19 -15.06 -7.92 9.23
C ILE A 19 -15.17 -6.60 10.00
N GLU A 20 -14.52 -6.49 11.16
CA GLU A 20 -14.51 -5.23 11.97
C GLU A 20 -13.14 -4.62 11.69
N PRO A 21 -13.03 -3.59 10.82
CA PRO A 21 -11.69 -3.17 10.37
C PRO A 21 -10.70 -2.84 11.49
N ILE A 22 -11.17 -2.15 12.52
CA ILE A 22 -10.30 -1.67 13.63
C ILE A 22 -9.70 -2.90 14.31
N ASN A 23 -10.50 -3.95 14.45
CA ASN A 23 -10.04 -5.18 15.14
C ASN A 23 -9.05 -5.91 14.25
N PHE A 24 -9.35 -6.01 12.95
CA PHE A 24 -8.42 -6.64 12.01
C PHE A 24 -7.08 -5.90 12.12
N MET A 25 -7.15 -4.57 12.24
CA MET A 25 -5.93 -3.71 12.29
C MET A 25 -5.11 -4.08 13.50
N ALA A 26 -5.72 -4.21 14.67
CA ALA A 26 -4.97 -4.55 15.90
C ALA A 26 -4.30 -5.93 15.71
N THR A 27 -5.03 -6.92 15.17
CA THR A 27 -4.45 -8.24 14.88
C THR A 27 -3.30 -8.10 13.88
N MET A 28 -3.45 -7.25 12.87
CA MET A 28 -2.39 -7.17 11.85
C MET A 28 -1.16 -6.47 12.45
N VAL A 29 -1.33 -5.42 13.27
CA VAL A 29 -0.11 -4.75 13.82
C VAL A 29 0.59 -5.70 14.80
N ARG A 30 -0.14 -6.55 15.54
CA ARG A 30 0.48 -7.53 16.48
C ARG A 30 1.17 -8.60 15.63
N ARG A 31 0.53 -9.16 14.62
CA ARG A 31 1.09 -10.29 13.85
C ARG A 31 2.25 -9.88 12.97
N VAL A 32 2.27 -8.64 12.48
CA VAL A 32 3.44 -8.16 11.67
C VAL A 32 4.51 -7.56 12.60
N GLN A 33 4.19 -7.36 13.90
CA GLN A 33 5.12 -6.89 14.96
C GLN A 33 5.55 -5.46 14.65
N LEU A 34 4.60 -4.61 14.26
CA LEU A 34 4.85 -3.17 14.00
C LEU A 34 4.84 -2.47 15.34
N THR A 35 5.98 -1.97 15.82
CA THR A 35 6.14 -1.41 17.19
C THR A 35 5.81 0.09 17.20
N ASP A 36 5.68 0.65 18.41
CA ASP A 36 5.58 2.13 18.65
C ASP A 36 6.76 2.82 17.98
N GLU A 37 7.94 2.22 18.09
CA GLU A 37 9.18 2.72 17.46
C GLU A 37 9.00 2.77 15.93
N ASP A 38 8.56 1.68 15.30
CA ASP A 38 8.31 1.66 13.83
C ASP A 38 7.43 2.87 13.44
N LYS A 39 6.32 3.03 14.16
CA LYS A 39 5.32 4.08 13.87
C LYS A 39 6.00 5.45 13.95
N SER A 40 6.87 5.65 14.95
CA SER A 40 7.63 6.92 15.12
C SER A 40 8.55 7.13 13.92
N LEU A 41 9.32 6.11 13.50
CA LEU A 41 10.12 6.21 12.26
C LEU A 41 9.23 6.56 11.06
N LEU A 42 8.03 5.97 10.93
CA LEU A 42 7.20 6.23 9.73
C LEU A 42 6.76 7.69 9.78
N ALA A 43 6.21 8.12 10.92
CA ALA A 43 5.62 9.48 11.09
C ALA A 43 6.71 10.52 10.83
N GLU A 44 7.91 10.29 11.33
CA GLU A 44 9.08 11.14 11.04
C GLU A 44 9.45 11.15 9.54
N ALA A 45 9.31 10.07 8.78
CA ALA A 45 9.80 10.04 7.38
C ALA A 45 8.67 10.55 6.45
N ALA A 46 7.51 10.89 7.00
CA ALA A 46 6.32 11.20 6.19
C ALA A 46 6.62 12.28 5.13
N PRO A 47 7.34 13.39 5.45
CA PRO A 47 7.59 14.44 4.45
C PRO A 47 8.39 13.91 3.25
N TRP A 48 9.40 13.08 3.55
CA TRP A 48 10.14 12.34 2.51
C TRP A 48 9.18 11.41 1.75
N GLY A 49 8.28 10.70 2.44
CA GLY A 49 7.31 9.82 1.74
C GLY A 49 6.52 10.64 0.72
N LYS A 50 6.03 11.78 1.18
CA LYS A 50 5.25 12.71 0.32
C LYS A 50 6.09 13.17 -0.89
N GLU A 51 7.38 13.42 -0.70
CA GLU A 51 8.31 13.82 -1.78
C GLU A 51 8.44 12.68 -2.81
N ILE A 52 8.63 11.43 -2.38
CA ILE A 52 8.87 10.34 -3.37
C ILE A 52 7.55 9.79 -3.95
N ALA A 53 6.39 10.03 -3.34
CA ALA A 53 5.13 9.35 -3.76
C ALA A 53 4.88 9.47 -5.26
N PRO A 54 5.02 10.66 -5.90
CA PRO A 54 4.64 10.78 -7.30
C PRO A 54 5.54 9.88 -8.16
N GLN A 55 6.82 9.76 -7.82
CA GLN A 55 7.77 8.91 -8.59
C GLN A 55 7.37 7.43 -8.38
N MET A 56 7.07 7.05 -7.16
CA MET A 56 6.56 5.68 -6.83
C MET A 56 5.30 5.39 -7.66
N ALA A 57 4.37 6.35 -7.75
CA ALA A 57 3.12 6.16 -8.52
C ALA A 57 3.46 5.88 -9.99
N ASP A 58 4.47 6.59 -10.51
CA ASP A 58 4.88 6.48 -11.93
C ASP A 58 5.47 5.10 -12.19
N THR A 59 6.41 4.66 -11.37
CA THR A 59 7.04 3.32 -11.41
C THR A 59 5.93 2.28 -11.43
N PHE A 60 4.98 2.41 -10.51
CA PHE A 60 3.91 1.39 -10.33
C PHE A 60 3.06 1.35 -11.60
N TYR A 61 2.64 2.53 -12.06
CA TYR A 61 1.83 2.64 -13.29
C TYR A 61 2.57 1.94 -14.46
N ASP A 62 3.85 2.26 -14.68
CA ASP A 62 4.66 1.67 -15.79
C ASP A 62 4.71 0.14 -15.64
N TYR A 63 4.91 -0.32 -14.39
CA TYR A 63 4.99 -1.76 -14.10
C TYR A 63 3.64 -2.38 -14.53
N LEU A 64 2.52 -1.83 -14.06
CA LEU A 64 1.19 -2.44 -14.39
C LEU A 64 1.04 -2.43 -15.93
N GLY A 65 1.44 -1.32 -16.57
CA GLY A 65 1.31 -1.12 -18.03
C GLY A 65 2.02 -2.23 -18.81
N ARG A 66 3.16 -2.72 -18.33
CA ARG A 66 3.94 -3.76 -19.04
C ARG A 66 3.35 -5.16 -18.85
N ASP A 67 2.27 -5.35 -18.10
CA ASP A 67 1.65 -6.69 -17.94
C ASP A 67 0.39 -6.74 -18.83
N GLU A 68 0.32 -7.66 -19.77
CA GLU A 68 -0.81 -7.74 -20.72
C GLU A 68 -2.11 -7.78 -19.93
N GLU A 69 -2.23 -8.75 -19.02
CA GLU A 69 -3.46 -8.97 -18.22
C GLU A 69 -3.77 -7.72 -17.38
N MET A 70 -2.79 -7.15 -16.68
CA MET A 70 -3.09 -6.01 -15.76
C MET A 70 -3.32 -4.72 -16.56
N ASN A 71 -2.65 -4.57 -17.70
CA ASN A 71 -2.88 -3.42 -18.62
C ASN A 71 -4.31 -3.50 -19.22
N ALA A 72 -4.81 -4.72 -19.50
CA ALA A 72 -6.20 -4.92 -19.98
C ALA A 72 -7.16 -4.42 -18.91
N ILE A 73 -6.89 -4.76 -17.64
CA ILE A 73 -7.76 -4.34 -16.50
C ILE A 73 -7.75 -2.81 -16.39
N LEU A 74 -6.64 -2.16 -16.70
CA LEU A 74 -6.59 -0.68 -16.51
C LEU A 74 -7.08 0.03 -17.77
N ASN A 75 -8.28 -0.30 -18.28
CA ASN A 75 -8.72 0.29 -19.58
C ASN A 75 -10.16 0.80 -19.53
N ALA A 76 -10.60 1.36 -18.40
CA ALA A 76 -11.97 1.92 -18.28
C ALA A 76 -12.08 3.25 -19.04
N THR A 77 -11.14 4.17 -18.83
CA THR A 77 -11.18 5.50 -19.48
C THR A 77 -9.77 6.11 -19.43
N GLU A 78 -9.54 7.27 -20.06
CA GLU A 78 -8.20 7.88 -19.92
C GLU A 78 -8.13 8.64 -18.59
N GLY A 79 -9.23 9.28 -18.19
CA GLY A 79 -9.27 10.00 -16.90
C GLY A 79 -8.81 9.08 -15.79
N ARG A 80 -8.72 7.79 -16.09
CA ARG A 80 -8.28 6.79 -15.08
C ARG A 80 -6.82 7.04 -14.72
N ILE A 81 -6.01 7.51 -15.69
CA ILE A 81 -4.56 7.67 -15.42
C ILE A 81 -4.37 8.63 -14.25
N HIS A 82 -4.92 9.83 -14.34
CA HIS A 82 -4.83 10.75 -13.18
C HIS A 82 -5.23 10.05 -11.87
N ARG A 83 -6.41 9.39 -11.85
CA ARG A 83 -7.02 8.81 -10.63
C ARG A 83 -6.11 7.68 -10.10
N LEU A 84 -5.57 6.84 -10.99
CA LEU A 84 -4.64 5.73 -10.68
C LEU A 84 -3.35 6.30 -10.08
N HIS A 85 -2.89 7.46 -10.57
CA HIS A 85 -1.67 8.12 -10.04
C HIS A 85 -2.01 8.66 -8.65
N GLN A 86 -3.13 9.35 -8.50
CA GLN A 86 -3.45 10.13 -7.27
C GLN A 86 -3.82 9.18 -6.14
N THR A 87 -4.63 8.16 -6.44
CA THR A 87 -5.06 7.19 -5.42
C THR A 87 -3.81 6.57 -4.81
N PHE A 88 -2.82 6.26 -5.66
CA PHE A 88 -1.55 5.60 -5.25
C PHE A 88 -0.75 6.56 -4.37
N VAL A 89 -0.70 7.84 -4.76
CA VAL A 89 0.12 8.84 -4.03
C VAL A 89 -0.43 8.97 -2.61
N ASP A 90 -1.75 9.12 -2.48
CA ASP A 90 -2.43 9.30 -1.17
C ASP A 90 -2.26 8.03 -0.32
N TRP A 91 -2.45 6.86 -0.91
CA TRP A 91 -2.34 5.57 -0.19
C TRP A 91 -0.92 5.48 0.38
N PHE A 92 0.07 5.78 -0.45
CA PHE A 92 1.52 5.62 -0.12
C PHE A 92 1.88 6.55 1.05
N TYR A 93 1.45 7.80 0.97
CA TYR A 93 1.75 8.83 1.99
C TYR A 93 1.13 8.41 3.32
N GLU A 94 -0.10 7.89 3.24
CA GLU A 94 -0.91 7.44 4.39
C GLU A 94 -0.22 6.33 5.18
N MET A 95 0.63 5.52 4.55
CA MET A 95 1.39 4.48 5.26
C MET A 95 2.32 5.15 6.26
N PHE A 96 2.91 6.27 5.87
CA PHE A 96 3.86 7.03 6.73
C PHE A 96 3.10 7.77 7.84
N THR A 97 1.95 8.38 7.54
CA THR A 97 1.22 9.19 8.56
C THR A 97 0.34 8.27 9.40
N GLY A 98 -0.13 7.17 8.83
CA GLY A 98 -1.11 6.28 9.49
C GLY A 98 -2.49 6.90 9.56
N MET A 99 -2.74 8.03 8.86
CA MET A 99 -4.02 8.74 8.97
C MET A 99 -4.30 9.04 10.46
N ASP A 100 -5.19 8.31 11.15
CA ASP A 100 -5.47 8.45 12.61
C ASP A 100 -4.51 7.54 13.40
N SER A 101 -3.22 7.68 13.14
CA SER A 101 -2.16 6.92 13.85
C SER A 101 -2.45 5.42 13.75
N TRP A 102 -2.77 4.95 12.55
CA TRP A 102 -2.94 3.52 12.24
C TRP A 102 -4.11 3.00 13.03
N GLY A 103 -5.21 3.74 13.01
CA GLY A 103 -6.39 3.42 13.82
C GLY A 103 -7.56 3.07 12.94
N LYS A 104 -8.75 3.35 13.45
CA LYS A 104 -10.04 3.01 12.81
C LYS A 104 -10.10 3.56 11.39
N ALA A 105 -9.79 4.83 11.18
CA ALA A 105 -9.92 5.43 9.84
C ALA A 105 -8.92 4.72 8.93
N TYR A 106 -7.71 4.46 9.41
CA TYR A 106 -6.71 3.76 8.57
C TYR A 106 -7.32 2.42 8.16
N ALA A 107 -7.88 1.67 9.11
CA ALA A 107 -8.34 0.30 8.88
C ALA A 107 -9.51 0.32 7.90
N GLU A 108 -10.41 1.27 8.08
CA GLU A 108 -11.60 1.41 7.18
C GLU A 108 -11.11 1.76 5.78
N ARG A 109 -10.14 2.64 5.64
CA ARG A 109 -9.64 3.02 4.30
C ARG A 109 -8.99 1.79 3.63
N ARG A 110 -8.21 1.05 4.39
CA ARG A 110 -7.47 -0.12 3.84
C ARG A 110 -8.46 -1.21 3.44
N TRP A 111 -9.49 -1.39 4.24
CA TRP A 111 -10.56 -2.36 3.93
C TRP A 111 -11.30 -1.93 2.65
N LYS A 112 -11.66 -0.64 2.51
CA LYS A 112 -12.29 -0.14 1.25
C LYS A 112 -11.34 -0.38 0.06
N ILE A 113 -10.05 -0.13 0.23
CA ILE A 113 -9.06 -0.42 -0.85
C ILE A 113 -9.14 -1.89 -1.28
N GLY A 114 -9.17 -2.79 -0.30
CA GLY A 114 -9.39 -4.22 -0.54
C GLY A 114 -10.65 -4.50 -1.37
N LEU A 115 -11.80 -4.02 -0.93
CA LEU A 115 -13.07 -4.26 -1.67
C LEU A 115 -12.97 -3.73 -3.10
N VAL A 116 -12.33 -2.58 -3.33
CA VAL A 116 -12.28 -2.02 -4.70
C VAL A 116 -11.61 -3.05 -5.63
N HIS A 117 -10.50 -3.65 -5.20
CA HIS A 117 -9.71 -4.55 -6.06
C HIS A 117 -10.48 -5.84 -6.31
N VAL A 118 -11.13 -6.38 -5.29
CA VAL A 118 -11.94 -7.61 -5.47
C VAL A 118 -13.04 -7.30 -6.49
N ARG A 119 -13.73 -6.17 -6.32
CA ARG A 119 -14.83 -5.81 -7.27
C ARG A 119 -14.39 -5.74 -8.72
N ILE A 120 -13.19 -5.27 -9.01
CA ILE A 120 -12.74 -5.14 -10.43
C ILE A 120 -12.16 -6.49 -10.86
N GLY A 121 -12.14 -7.53 -10.01
CA GLY A 121 -11.75 -8.88 -10.47
C GLY A 121 -10.23 -9.03 -10.45
N ILE A 122 -9.53 -8.21 -9.71
CA ILE A 122 -8.09 -8.49 -9.50
C ILE A 122 -7.89 -9.29 -8.19
N GLY A 123 -6.97 -10.26 -8.29
CA GLY A 123 -6.70 -11.33 -7.32
C GLY A 123 -5.28 -11.29 -6.77
N PRO A 124 -4.94 -12.30 -5.95
CA PRO A 124 -3.62 -12.46 -5.35
C PRO A 124 -2.48 -12.53 -6.38
N GLN A 125 -2.75 -13.15 -7.52
CA GLN A 125 -1.73 -13.31 -8.58
C GLN A 125 -1.33 -11.92 -9.13
N HIS A 126 -2.14 -10.89 -8.89
CA HIS A 126 -1.85 -9.48 -9.28
C HIS A 126 -1.32 -8.67 -8.10
N VAL A 127 -2.00 -8.70 -6.95
CA VAL A 127 -1.71 -7.77 -5.82
C VAL A 127 -0.45 -8.23 -5.07
N VAL A 128 -0.22 -9.52 -4.92
CA VAL A 128 0.96 -9.97 -4.09
C VAL A 128 2.24 -9.56 -4.80
N PRO A 129 2.41 -9.90 -6.08
CA PRO A 129 3.54 -9.40 -6.85
C PRO A 129 3.60 -7.87 -6.94
N ALA A 130 2.47 -7.23 -7.20
CA ALA A 130 2.45 -5.75 -7.27
C ALA A 130 3.06 -5.24 -5.97
N MET A 131 2.63 -5.80 -4.83
CA MET A 131 3.15 -5.28 -3.55
C MET A 131 4.66 -5.58 -3.43
N ALA A 132 5.14 -6.73 -3.90
CA ALA A 132 6.59 -7.02 -3.95
C ALA A 132 7.32 -5.93 -4.73
N VAL A 133 6.74 -5.46 -5.83
CA VAL A 133 7.38 -4.42 -6.69
C VAL A 133 7.41 -3.07 -5.93
N VAL A 134 6.34 -2.71 -5.24
CA VAL A 134 6.26 -1.46 -4.44
C VAL A 134 7.36 -1.51 -3.41
N VAL A 135 7.45 -2.61 -2.67
CA VAL A 135 8.42 -2.69 -1.55
C VAL A 135 9.84 -2.59 -2.16
N ASN A 136 10.10 -3.29 -3.24
CA ASN A 136 11.40 -3.25 -3.94
C ASN A 136 11.70 -1.81 -4.37
N ALA A 137 10.73 -1.11 -4.94
CA ALA A 137 10.97 0.25 -5.50
C ALA A 137 11.21 1.21 -4.33
N VAL A 138 10.42 1.10 -3.25
CA VAL A 138 10.64 1.97 -2.07
C VAL A 138 12.01 1.66 -1.47
N ARG A 139 12.43 0.38 -1.45
CA ARG A 139 13.71 -0.02 -0.82
C ARG A 139 14.84 0.62 -1.62
N GLN A 140 14.71 0.71 -2.96
CA GLN A 140 15.72 1.42 -3.81
C GLN A 140 15.79 2.90 -3.43
N LYS A 141 14.65 3.57 -3.28
CA LYS A 141 14.63 5.01 -2.92
C LYS A 141 15.29 5.19 -1.55
N LEU A 142 14.98 4.32 -0.59
CA LEU A 142 15.53 4.42 0.78
C LEU A 142 17.06 4.38 0.66
N ARG A 143 17.60 3.47 -0.14
CA ARG A 143 19.06 3.26 -0.22
C ARG A 143 19.70 4.45 -0.93
N GLU A 144 19.10 4.89 -2.05
CA GLU A 144 19.48 6.13 -2.76
C GLU A 144 19.61 7.28 -1.76
N ALA A 145 18.60 7.50 -0.92
CA ALA A 145 18.57 8.59 0.08
C ALA A 145 19.33 8.20 1.36
N ASN A 146 20.04 7.07 1.41
CA ASN A 146 20.84 6.65 2.60
C ASN A 146 19.96 6.76 3.87
N LYS A 147 18.72 6.29 3.80
CA LYS A 147 17.80 6.24 4.98
C LYS A 147 18.13 5.01 5.86
N SER A 148 17.72 5.02 7.12
CA SER A 148 18.01 3.93 8.07
C SER A 148 17.32 2.61 7.67
N GLU A 149 17.90 1.52 8.13
CA GLU A 149 17.47 0.15 7.87
C GLU A 149 16.22 -0.09 8.72
N ALA A 150 16.13 0.65 9.82
CA ALA A 150 14.99 0.54 10.75
C ALA A 150 13.77 1.16 10.04
N LEU A 151 13.95 2.24 9.29
CA LEU A 151 12.83 2.83 8.52
C LEU A 151 12.41 1.83 7.45
N SER A 152 13.40 1.21 6.80
CA SER A 152 13.20 0.27 5.69
C SER A 152 12.39 -0.92 6.21
N ASP A 153 12.73 -1.47 7.38
CA ASP A 153 12.00 -2.61 7.97
C ASP A 153 10.55 -2.20 8.26
N ALA A 154 10.34 -1.00 8.81
CA ALA A 154 9.01 -0.50 9.25
C ALA A 154 8.09 -0.35 8.04
N LEU A 155 8.62 0.20 6.96
CA LEU A 155 7.84 0.33 5.71
C LEU A 155 7.48 -1.07 5.17
N GLY A 156 8.41 -2.01 5.16
CA GLY A 156 8.13 -3.42 4.80
C GLY A 156 6.93 -3.91 5.60
N LYS A 157 6.91 -3.64 6.90
CA LYS A 157 5.81 -4.10 7.79
C LYS A 157 4.48 -3.47 7.35
N ILE A 158 4.45 -2.15 7.16
CA ILE A 158 3.14 -1.51 6.87
C ILE A 158 2.68 -1.88 5.46
N CYS A 159 3.58 -2.00 4.48
CA CYS A 159 3.14 -2.53 3.17
C CYS A 159 2.46 -3.89 3.36
N MET A 160 3.00 -4.73 4.24
CA MET A 160 2.47 -6.12 4.44
C MET A 160 1.15 -6.07 5.23
N ILE A 161 0.96 -5.16 6.17
CA ILE A 161 -0.39 -4.92 6.79
C ILE A 161 -1.41 -4.61 5.69
N ASP A 162 -1.07 -3.68 4.80
CA ASP A 162 -1.99 -3.22 3.75
C ASP A 162 -2.31 -4.41 2.85
N LEU A 163 -1.29 -5.22 2.52
CA LEU A 163 -1.51 -6.36 1.62
C LEU A 163 -2.45 -7.33 2.33
N ALA A 164 -2.30 -7.56 3.63
CA ALA A 164 -3.19 -8.48 4.36
C ALA A 164 -4.64 -7.98 4.31
N PHE A 165 -4.82 -6.65 4.40
CA PHE A 165 -6.18 -6.07 4.28
C PHE A 165 -6.76 -6.42 2.91
N ILE A 166 -5.95 -6.27 1.86
CA ILE A 166 -6.46 -6.49 0.47
C ILE A 166 -6.77 -7.99 0.30
N GLU A 167 -5.87 -8.86 0.76
CA GLU A 167 -6.04 -10.32 0.63
C GLU A 167 -7.22 -10.79 1.50
N GLN A 168 -7.35 -10.22 2.67
CA GLN A 168 -8.47 -10.61 3.55
C GLN A 168 -9.79 -10.18 2.88
N ALA A 169 -9.86 -8.99 2.31
CA ALA A 169 -11.09 -8.52 1.62
C ALA A 169 -11.44 -9.50 0.51
N TYR A 170 -10.43 -9.89 -0.25
CA TYR A 170 -10.65 -10.86 -1.35
C TYR A 170 -11.16 -12.17 -0.74
N PHE A 171 -10.57 -12.60 0.38
CA PHE A 171 -11.11 -13.83 1.03
C PHE A 171 -12.56 -13.59 1.42
N GLU A 172 -12.90 -12.49 2.10
CA GLU A 172 -14.28 -12.31 2.60
C GLU A 172 -15.29 -12.11 1.46
N VAL A 173 -14.91 -11.39 0.39
CA VAL A 173 -15.84 -11.11 -0.75
C VAL A 173 -15.94 -12.38 -1.59
N SER A 174 -14.85 -13.11 -1.76
CA SER A 174 -14.99 -14.46 -2.35
C SER A 174 -15.48 -15.21 -1.12
N SER A 175 -15.86 -16.48 -1.17
CA SER A 175 -16.29 -17.06 0.11
C SER A 175 -17.28 -15.98 0.58
#